data_2XH3
#
_entry.id   2XH3
#
_cell.length_a   49.822
_cell.length_b   101.822
_cell.length_c   113.547
_cell.angle_alpha   90.00
_cell.angle_beta   90.00
_cell.angle_gamma   90.00
#
_symmetry.space_group_name_H-M   'P 21 21 21'
#
loop_
_entity.id
_entity.type
_entity.pdbx_description
1 polymer 'SPD1 NUCLEASE'
2 non-polymer DI(HYDROXYETHYL)ETHER
3 water water
#
_entity_poly.entity_id   1
_entity_poly.type   'polypeptide(L)'
_entity_poly.pdbx_seq_one_letter_code
;MKLSKQKASLLTAVLLLLSLSITTITVDAARVRTYPNVSHANTHYKNTVSSKLLPFTANYQLQLGELDNLNRATFSHIQL
QDRHETKDVRTKINYDPVGWHNYQFPYGDGSKSSWVMNRGHLVGYQFCGLNDEPRNLVAMTAWLATGAYSGANDSNPEGM
LYYENRLDSWLALHPDFWLDYKVTPIYSGNEVVPRQIELQYVGIDSSGELLTIRLNSNKESIDENGVTTVILENSAPNIN
LDYLNGTATPKN
;
_entity_poly.pdbx_strand_id   A,B
#
loop_
_chem_comp.id
_chem_comp.type
_chem_comp.name
_chem_comp.formula
PEG non-polymer DI(HYDROXYETHYL)ETHER 'C4 H10 O3'
#
# COMPACT_ATOMS: atom_id res chain seq x y z
N THR A 48 1.40 -0.96 -28.42
CA THR A 48 2.37 -0.05 -29.01
C THR A 48 1.86 1.35 -29.00
N VAL A 49 0.55 1.55 -28.97
CA VAL A 49 0.07 2.90 -28.90
C VAL A 49 0.04 3.26 -27.44
N SER A 50 0.66 2.38 -26.68
CA SER A 50 0.95 2.51 -25.22
C SER A 50 2.42 2.30 -24.86
N SER A 51 2.99 3.26 -24.11
CA SER A 51 4.39 3.15 -23.65
C SER A 51 4.57 2.10 -22.50
N LYS A 52 3.47 1.77 -21.82
CA LYS A 52 3.49 0.80 -20.72
C LYS A 52 3.81 -0.60 -21.16
N LEU A 53 3.58 -0.93 -22.42
CA LEU A 53 3.64 -2.32 -22.95
C LEU A 53 4.96 -2.63 -23.62
N LEU A 54 5.32 -3.91 -23.67
CA LEU A 54 6.47 -4.39 -24.43
C LEU A 54 6.22 -4.12 -25.93
N PRO A 55 7.22 -3.58 -26.69
CA PRO A 55 7.01 -3.42 -28.15
C PRO A 55 6.60 -4.76 -28.84
N PHE A 56 5.52 -4.71 -29.63
CA PHE A 56 4.90 -5.89 -30.25
C PHE A 56 5.70 -6.49 -31.45
N THR A 57 6.67 -7.35 -31.20
CA THR A 57 7.40 -7.99 -32.30
C THR A 57 6.57 -9.09 -32.98
N ALA A 58 5.64 -9.69 -32.23
CA ALA A 58 4.88 -10.90 -32.56
C ALA A 58 5.59 -12.22 -32.22
N ASN A 59 6.58 -12.13 -31.34
CA ASN A 59 7.15 -13.33 -30.67
C ASN A 59 7.02 -13.25 -29.15
N TYR A 60 7.07 -14.40 -28.51
CA TYR A 60 7.18 -14.50 -27.08
C TYR A 60 8.33 -13.63 -26.51
N GLN A 61 8.04 -12.87 -25.44
CA GLN A 61 9.04 -11.99 -24.81
C GLN A 61 8.97 -12.04 -23.31
N LEU A 62 10.14 -12.24 -22.72
CA LEU A 62 10.34 -12.11 -21.29
C LEU A 62 11.43 -11.10 -21.00
N GLN A 63 11.04 -9.91 -20.55
CA GLN A 63 11.96 -8.92 -20.01
C GLN A 63 11.93 -8.87 -18.48
N LEU A 64 13.05 -9.22 -17.86
CA LEU A 64 13.23 -9.04 -16.42
C LEU A 64 13.92 -7.69 -16.09
N GLY A 65 13.41 -6.93 -15.11
CA GLY A 65 14.08 -5.70 -14.72
C GLY A 65 15.35 -6.10 -13.99
N GLU A 66 16.40 -5.28 -14.06
CA GLU A 66 17.60 -5.62 -13.24
C GLU A 66 17.35 -5.40 -11.72
N LEU A 67 18.14 -6.01 -10.87
CA LEU A 67 18.06 -5.74 -9.43
C LEU A 67 18.47 -4.33 -9.11
N ASP A 68 17.69 -3.61 -8.29
CA ASP A 68 18.06 -2.23 -7.94
C ASP A 68 19.26 -2.16 -7.00
N ASN A 69 19.55 -0.95 -6.53
CA ASN A 69 20.72 -0.71 -5.71
C ASN A 69 20.70 -1.57 -4.47
N LEU A 70 19.49 -1.97 -4.03
CA LEU A 70 19.38 -2.78 -2.82
C LEU A 70 19.24 -4.26 -3.10
N ASN A 71 19.53 -4.65 -4.33
CA ASN A 71 19.38 -6.02 -4.76
C ASN A 71 17.90 -6.54 -4.82
N ARG A 72 16.95 -5.63 -5.03
CA ARG A 72 15.55 -6.02 -5.03
C ARG A 72 15.07 -6.17 -6.48
N ALA A 73 14.22 -7.17 -6.71
CA ALA A 73 13.56 -7.32 -8.03
C ALA A 73 12.83 -6.03 -8.30
N THR A 74 12.83 -5.60 -9.56
CA THR A 74 12.16 -4.33 -9.93
C THR A 74 10.91 -4.52 -10.84
N PHE A 75 10.87 -5.57 -11.68
CA PHE A 75 9.66 -5.92 -12.49
C PHE A 75 9.85 -7.18 -13.29
N SER A 76 8.75 -7.70 -13.83
CA SER A 76 8.86 -8.85 -14.71
C SER A 76 7.76 -8.66 -15.68
N HIS A 77 8.10 -8.74 -16.98
CA HIS A 77 7.21 -8.29 -18.05
C HIS A 77 7.13 -9.36 -19.17
N ILE A 78 5.91 -9.79 -19.52
CA ILE A 78 5.75 -10.91 -20.43
C ILE A 78 4.75 -10.56 -21.46
N GLN A 79 5.06 -10.98 -22.69
CA GLN A 79 4.12 -10.90 -23.81
C GLN A 79 4.03 -12.28 -24.41
N LEU A 80 2.84 -12.89 -24.38
CA LEU A 80 2.71 -14.28 -24.82
C LEU A 80 1.33 -14.65 -25.30
N GLN A 81 1.24 -15.86 -25.89
CA GLN A 81 -0.01 -16.45 -26.36
C GLN A 81 -0.37 -17.74 -25.64
N ASP A 82 -1.63 -18.15 -25.76
CA ASP A 82 -2.04 -19.45 -25.24
C ASP A 82 -1.07 -20.64 -25.62
N ARG A 83 -0.59 -20.70 -26.86
CA ARG A 83 0.38 -21.74 -27.23
C ARG A 83 1.76 -21.70 -26.51
N HIS A 84 2.09 -20.61 -25.82
CA HIS A 84 3.40 -20.54 -25.17
C HIS A 84 3.47 -21.17 -23.76
N GLU A 85 2.33 -21.22 -23.08
CA GLU A 85 2.10 -21.82 -21.73
C GLU A 85 3.07 -22.95 -21.32
N THR A 86 3.40 -23.07 -20.03
CA THR A 86 4.29 -24.17 -19.56
C THR A 86 3.61 -25.55 -19.52
N SER A 113 7.60 -14.88 18.72
CA SER A 113 8.75 -14.97 17.85
C SER A 113 8.32 -15.27 16.38
N SER A 114 9.25 -15.01 15.46
CA SER A 114 8.93 -14.71 14.08
C SER A 114 9.68 -15.52 13.05
N TRP A 115 9.09 -15.66 11.86
CA TRP A 115 9.72 -16.32 10.74
C TRP A 115 10.10 -15.34 9.59
N VAL A 116 10.92 -15.80 8.63
CA VAL A 116 11.29 -15.00 7.42
C VAL A 116 10.35 -15.35 6.32
N MET A 117 10.04 -14.37 5.49
CA MET A 117 8.98 -14.56 4.52
C MET A 117 9.44 -15.36 3.31
N ASN A 118 8.50 -16.13 2.74
CA ASN A 118 8.70 -16.85 1.50
C ASN A 118 8.68 -15.90 0.34
N ARG A 119 9.40 -16.30 -0.71
CA ARG A 119 9.56 -15.49 -1.87
C ARG A 119 8.45 -15.95 -2.77
N GLY A 120 7.67 -15.03 -3.35
CA GLY A 120 6.71 -15.40 -4.39
C GLY A 120 7.12 -14.85 -5.74
N HIS A 121 6.66 -15.51 -6.80
CA HIS A 121 6.81 -15.12 -8.19
C HIS A 121 6.22 -13.76 -8.54
N LEU A 122 6.83 -13.01 -9.45
CA LEU A 122 6.17 -11.79 -9.90
C LEU A 122 5.30 -12.23 -11.08
N VAL A 123 5.91 -12.70 -12.15
CA VAL A 123 5.11 -13.28 -13.22
C VAL A 123 5.03 -14.77 -12.96
N GLY A 124 3.80 -15.26 -12.78
CA GLY A 124 3.56 -16.66 -12.37
C GLY A 124 4.27 -17.72 -13.21
N TYR A 125 4.71 -18.78 -12.53
CA TYR A 125 5.40 -19.90 -13.20
C TYR A 125 4.61 -20.39 -14.44
N GLN A 126 3.28 -20.56 -14.29
CA GLN A 126 2.40 -20.95 -15.45
C GLN A 126 2.59 -20.11 -16.70
N PHE A 127 2.98 -18.84 -16.55
CA PHE A 127 3.27 -18.03 -17.75
C PHE A 127 4.72 -18.11 -18.30
N CYS A 128 5.72 -18.18 -17.42
CA CYS A 128 7.08 -17.76 -17.84
C CYS A 128 8.07 -18.89 -17.67
N GLY A 129 7.70 -19.87 -16.86
CA GLY A 129 8.47 -21.11 -16.77
C GLY A 129 9.66 -20.95 -15.87
N LEU A 130 9.81 -19.75 -15.32
CA LEU A 130 11.00 -19.40 -14.55
C LEU A 130 11.15 -20.03 -13.19
N ASN A 131 12.35 -20.51 -12.97
CA ASN A 131 12.71 -21.30 -11.81
C ASN A 131 13.62 -20.55 -10.90
N ASP A 132 13.12 -20.18 -9.74
CA ASP A 132 13.85 -19.33 -8.85
C ASP A 132 14.86 -18.52 -9.61
N GLU A 133 14.35 -17.56 -10.34
CA GLU A 133 15.11 -16.48 -10.95
C GLU A 133 14.85 -15.25 -10.04
N PRO A 134 15.89 -14.79 -9.32
CA PRO A 134 15.77 -13.75 -8.30
C PRO A 134 15.04 -12.50 -8.82
N ARG A 135 15.09 -12.26 -10.13
CA ARG A 135 14.52 -11.05 -10.71
C ARG A 135 13.02 -11.21 -10.86
N ASN A 136 12.55 -12.42 -10.58
CA ASN A 136 11.12 -12.73 -10.64
C ASN A 136 10.54 -13.12 -9.26
N LEU A 137 11.29 -12.84 -8.18
CA LEU A 137 10.87 -13.20 -6.82
C LEU A 137 10.89 -12.01 -5.87
N VAL A 138 9.91 -11.93 -4.95
CA VAL A 138 9.92 -10.94 -3.87
C VAL A 138 9.29 -11.58 -2.64
N ALA A 139 9.68 -11.13 -1.44
CA ALA A 139 9.10 -11.62 -0.22
C ALA A 139 7.61 -11.31 -0.32
N MET A 140 6.74 -12.22 0.10
CA MET A 140 5.31 -12.08 -0.14
C MET A 140 4.48 -12.91 0.84
N THR A 141 3.34 -12.40 1.31
CA THR A 141 2.52 -13.22 2.22
C THR A 141 1.88 -14.32 1.38
N ALA A 142 1.48 -15.41 2.03
CA ALA A 142 0.71 -16.52 1.37
C ALA A 142 -0.64 -15.96 0.95
N TRP A 143 -1.12 -14.96 1.69
CA TRP A 143 -2.45 -14.42 1.47
C TRP A 143 -2.44 -13.62 0.17
N LEU A 144 -1.38 -12.85 -0.06
CA LEU A 144 -1.23 -12.17 -1.33
C LEU A 144 -1.02 -13.15 -2.49
N ALA A 145 -0.17 -14.15 -2.32
CA ALA A 145 0.13 -15.04 -3.46
C ALA A 145 -1.06 -15.90 -3.80
N THR A 146 -1.77 -16.35 -2.77
CA THR A 146 -2.79 -17.38 -3.02
C THR A 146 -4.22 -16.96 -2.73
N GLY A 147 -4.41 -15.85 -2.04
CA GLY A 147 -5.75 -15.52 -1.59
C GLY A 147 -6.14 -16.22 -0.28
N ALA A 148 -5.25 -17.01 0.28
CA ALA A 148 -5.64 -17.84 1.43
C ALA A 148 -4.49 -18.09 2.40
N TYR A 149 -4.82 -18.38 3.67
CA TYR A 149 -3.80 -18.69 4.71
C TYR A 149 -3.00 -19.94 4.31
N SER A 150 -3.69 -20.95 3.79
CA SER A 150 -3.06 -22.08 3.10
C SER A 150 -3.97 -22.68 2.03
N GLY A 151 -3.34 -23.37 1.09
CA GLY A 151 -4.00 -23.80 -0.11
C GLY A 151 -3.97 -22.63 -1.08
N ALA A 152 -5.16 -22.19 -1.44
CA ALA A 152 -5.36 -21.27 -2.53
C ALA A 152 -6.84 -20.94 -2.58
N ASN A 153 -7.14 -19.65 -2.79
CA ASN A 153 -8.51 -19.21 -3.02
C ASN A 153 -8.58 -18.13 -4.09
N ASP A 154 -8.87 -18.57 -5.30
CA ASP A 154 -8.81 -17.70 -6.50
C ASP A 154 -10.05 -16.85 -6.72
N SER A 155 -10.91 -16.85 -5.69
CA SER A 155 -12.06 -15.94 -5.63
C SER A 155 -11.76 -14.75 -4.76
N ASN A 156 -10.66 -14.78 -4.01
CA ASN A 156 -10.33 -13.61 -3.18
C ASN A 156 -9.66 -12.55 -4.09
N PRO A 157 -10.34 -11.44 -4.36
CA PRO A 157 -9.68 -10.47 -5.26
C PRO A 157 -8.44 -9.77 -4.62
N GLU A 158 -8.09 -10.11 -3.39
CA GLU A 158 -6.91 -9.56 -2.78
C GLU A 158 -5.64 -10.36 -3.05
N GLY A 159 -5.81 -11.51 -3.73
CA GLY A 159 -4.69 -12.36 -3.97
C GLY A 159 -4.36 -12.38 -5.44
N MET A 160 -3.13 -12.76 -5.73
CA MET A 160 -2.69 -12.79 -7.12
C MET A 160 -3.33 -13.92 -7.93
N LEU A 161 -3.64 -15.03 -7.26
CA LEU A 161 -4.18 -16.18 -7.97
C LEU A 161 -5.45 -15.81 -8.73
N TYR A 162 -6.29 -15.01 -8.07
CA TYR A 162 -7.50 -14.51 -8.68
C TYR A 162 -7.29 -14.02 -10.10
N TYR A 163 -6.21 -13.27 -10.33
CA TYR A 163 -6.01 -12.58 -11.60
C TYR A 163 -5.27 -13.54 -12.49
N GLU A 164 -4.28 -14.23 -11.95
CA GLU A 164 -3.50 -15.20 -12.74
C GLU A 164 -4.41 -16.23 -13.41
N ASN A 165 -5.26 -16.89 -12.62
CA ASN A 165 -6.22 -17.84 -13.18
C ASN A 165 -7.11 -17.25 -14.25
N ARG A 166 -7.67 -16.06 -13.98
CA ARG A 166 -8.46 -15.41 -15.05
C ARG A 166 -7.70 -14.95 -16.31
N LEU A 167 -6.43 -14.62 -16.18
CA LEU A 167 -5.65 -14.26 -17.37
C LEU A 167 -5.37 -15.52 -18.22
N ASP A 168 -5.05 -16.60 -17.52
CA ASP A 168 -4.85 -17.89 -18.15
C ASP A 168 -6.16 -18.31 -18.86
N SER A 169 -7.32 -18.16 -18.17
CA SER A 169 -8.62 -18.42 -18.80
C SER A 169 -8.83 -17.51 -20.05
N TRP A 170 -8.39 -16.26 -19.90
CA TRP A 170 -8.52 -15.31 -21.02
C TRP A 170 -7.73 -15.75 -22.22
N LEU A 171 -6.50 -16.16 -21.95
CA LEU A 171 -5.61 -16.67 -23.01
C LEU A 171 -6.22 -17.87 -23.77
N ALA A 172 -6.69 -18.89 -23.01
CA ALA A 172 -7.40 -20.03 -23.59
C ALA A 172 -8.60 -19.65 -24.47
N LEU A 173 -9.25 -18.51 -24.22
CA LEU A 173 -10.41 -18.10 -25.03
C LEU A 173 -10.06 -17.15 -26.16
N HIS A 174 -8.79 -16.74 -26.22
CA HIS A 174 -8.32 -15.79 -27.24
C HIS A 174 -6.98 -16.31 -27.74
N PRO A 175 -7.00 -17.54 -28.27
CA PRO A 175 -5.82 -18.28 -28.77
C PRO A 175 -5.07 -17.51 -29.87
N ASP A 176 -5.82 -16.61 -30.52
CA ASP A 176 -5.38 -15.74 -31.58
C ASP A 176 -4.86 -14.39 -31.08
N PHE A 177 -4.89 -14.15 -29.77
CA PHE A 177 -4.45 -12.85 -29.28
C PHE A 177 -3.18 -13.02 -28.45
N TRP A 178 -2.59 -11.89 -28.06
CA TRP A 178 -1.42 -11.91 -27.16
C TRP A 178 -1.89 -11.34 -25.81
N LEU A 179 -1.29 -11.85 -24.74
CA LEU A 179 -1.35 -11.25 -23.42
C LEU A 179 -0.09 -10.41 -23.14
N ASP A 180 -0.25 -9.12 -22.87
CA ASP A 180 0.89 -8.34 -22.33
C ASP A 180 0.65 -8.17 -20.84
N TYR A 181 1.61 -8.63 -20.03
CA TYR A 181 1.42 -8.73 -18.59
C TYR A 181 2.68 -8.37 -17.84
N LYS A 182 2.53 -7.36 -16.98
CA LYS A 182 3.64 -6.84 -16.24
C LYS A 182 3.34 -6.92 -14.78
N VAL A 183 4.33 -7.34 -13.99
CA VAL A 183 4.16 -7.41 -12.55
C VAL A 183 5.28 -6.59 -11.87
N THR A 184 4.90 -5.59 -11.06
CA THR A 184 5.83 -4.61 -10.51
C THR A 184 5.62 -4.51 -9.00
N PRO A 185 6.64 -4.87 -8.22
CA PRO A 185 6.64 -4.69 -6.78
C PRO A 185 6.83 -3.23 -6.44
N ILE A 186 6.20 -2.79 -5.37
CA ILE A 186 6.24 -1.36 -5.03
C ILE A 186 6.90 -1.27 -3.66
N TYR A 187 8.05 -0.63 -3.54
CA TYR A 187 8.73 -0.51 -2.22
C TYR A 187 8.82 0.92 -1.78
N SER A 188 9.02 1.05 -0.48
CA SER A 188 9.29 2.34 0.16
C SER A 188 10.62 2.25 0.83
N GLY A 189 11.39 3.31 0.66
CA GLY A 189 12.70 3.43 1.31
C GLY A 189 13.63 2.28 1.00
N ASN A 190 14.25 1.72 2.04
CA ASN A 190 15.13 0.54 1.87
C ASN A 190 14.49 -0.75 2.28
N GLU A 191 13.16 -0.80 2.29
CA GLU A 191 12.52 -2.03 2.68
C GLU A 191 12.84 -3.14 1.71
N VAL A 192 13.15 -4.33 2.21
CA VAL A 192 13.31 -5.48 1.33
C VAL A 192 11.95 -6.08 0.91
N VAL A 193 10.90 -5.86 1.70
CA VAL A 193 9.59 -6.38 1.36
C VAL A 193 8.84 -5.22 0.72
N PRO A 194 8.25 -5.44 -0.47
CA PRO A 194 7.46 -4.37 -1.09
C PRO A 194 6.10 -4.22 -0.36
N ARG A 195 5.50 -3.05 -0.37
CA ARG A 195 4.23 -2.83 0.31
C ARG A 195 3.13 -3.43 -0.52
N GLN A 196 3.31 -3.39 -1.85
CA GLN A 196 2.27 -3.67 -2.79
C GLN A 196 2.82 -4.37 -4.02
N ILE A 197 1.96 -4.97 -4.83
CA ILE A 197 2.35 -5.53 -6.13
C ILE A 197 1.38 -4.89 -7.11
N GLU A 198 1.85 -4.49 -8.29
CA GLU A 198 0.96 -3.99 -9.33
C GLU A 198 0.94 -5.03 -10.45
N LEU A 199 -0.28 -5.44 -10.85
CA LEU A 199 -0.50 -6.27 -12.01
C LEU A 199 -0.98 -5.38 -13.14
N GLN A 200 -0.28 -5.41 -14.30
CA GLN A 200 -0.70 -4.61 -15.45
C GLN A 200 -1.01 -5.56 -16.59
N TYR A 201 -2.20 -5.42 -17.17
CA TYR A 201 -2.55 -6.39 -18.25
C TYR A 201 -3.47 -5.79 -19.27
N VAL A 202 -3.29 -6.25 -20.51
CA VAL A 202 -4.14 -5.87 -21.63
C VAL A 202 -3.93 -6.96 -22.71
N GLY A 203 -4.90 -7.12 -23.60
CA GLY A 203 -4.68 -8.03 -24.73
C GLY A 203 -4.32 -7.23 -25.96
N ILE A 204 -3.57 -7.87 -26.84
CA ILE A 204 -3.21 -7.36 -28.17
C ILE A 204 -3.65 -8.31 -29.30
N ASP A 205 -4.30 -7.79 -30.34
CA ASP A 205 -4.74 -8.63 -31.46
C ASP A 205 -3.69 -8.81 -32.53
N SER A 206 -4.02 -9.60 -33.56
CA SER A 206 -3.13 -9.96 -34.69
C SER A 206 -2.36 -8.78 -35.30
N SER A 207 -2.99 -7.60 -35.30
CA SER A 207 -2.46 -6.39 -35.93
C SER A 207 -1.90 -5.31 -34.98
N GLY A 208 -1.72 -5.67 -33.70
CA GLY A 208 -1.15 -4.76 -32.71
C GLY A 208 -2.18 -3.85 -32.05
N GLU A 209 -3.45 -4.10 -32.30
CA GLU A 209 -4.52 -3.32 -31.64
C GLU A 209 -4.78 -3.86 -30.21
N LEU A 210 -5.28 -3.00 -29.34
CA LEU A 210 -5.35 -3.34 -27.93
C LEU A 210 -6.74 -3.74 -27.51
N LEU A 211 -6.81 -4.66 -26.58
CA LEU A 211 -8.08 -5.17 -26.17
C LEU A 211 -8.10 -5.13 -24.65
N THR A 212 -9.05 -4.42 -24.10
CA THR A 212 -9.22 -4.39 -22.66
C THR A 212 -9.69 -5.74 -22.13
N ILE A 213 -9.09 -6.14 -21.01
CA ILE A 213 -9.36 -7.41 -20.35
C ILE A 213 -9.96 -7.08 -19.00
N ARG A 214 -11.19 -7.51 -18.78
CA ARG A 214 -11.91 -7.13 -17.58
C ARG A 214 -12.12 -8.35 -16.69
N LEU A 215 -11.44 -8.36 -15.54
CA LEU A 215 -11.46 -9.49 -14.59
C LEU A 215 -12.49 -9.29 -13.47
N ASN A 216 -13.39 -8.31 -13.63
CA ASN A 216 -14.52 -8.14 -12.69
C ASN A 216 -14.01 -7.91 -11.26
N SER A 217 -12.97 -7.08 -11.08
CA SER A 217 -12.53 -6.69 -9.73
C SER A 217 -12.54 -5.19 -9.55
N ASN A 218 -12.92 -4.75 -8.36
CA ASN A 218 -13.00 -3.30 -8.05
C ASN A 218 -11.64 -2.61 -8.05
N LYS A 219 -10.58 -3.39 -7.82
CA LYS A 219 -9.24 -2.88 -7.79
C LYS A 219 -8.78 -2.43 -9.17
N GLU A 220 -9.48 -2.84 -10.22
CA GLU A 220 -9.03 -2.52 -11.56
C GLU A 220 -9.12 -1.06 -11.85
N SER A 221 -8.23 -0.59 -12.68
CA SER A 221 -8.22 0.80 -13.07
C SER A 221 -7.75 0.73 -14.53
N ILE A 222 -8.60 1.25 -15.42
CA ILE A 222 -8.36 1.25 -16.87
C ILE A 222 -7.83 2.61 -17.35
N ASP A 223 -6.73 2.64 -18.09
CA ASP A 223 -6.17 3.91 -18.60
C ASP A 223 -6.70 4.40 -19.98
N GLU A 224 -6.16 5.50 -20.47
CA GLU A 224 -6.74 6.16 -21.64
C GLU A 224 -6.55 5.30 -22.88
N ASN A 225 -5.76 4.25 -22.77
CA ASN A 225 -5.59 3.28 -23.85
C ASN A 225 -6.25 1.90 -23.65
N GLY A 226 -7.03 1.71 -22.57
CA GLY A 226 -7.58 0.40 -22.22
C GLY A 226 -6.66 -0.60 -21.49
N VAL A 227 -5.56 -0.12 -20.88
CA VAL A 227 -4.61 -0.96 -20.14
C VAL A 227 -5.02 -0.96 -18.69
N THR A 228 -5.04 -2.13 -18.06
CA THR A 228 -5.60 -2.28 -16.73
C THR A 228 -4.48 -2.42 -15.68
N THR A 229 -4.60 -1.71 -14.59
CA THR A 229 -3.64 -1.85 -13.51
C THR A 229 -4.46 -2.15 -12.24
N VAL A 230 -3.90 -3.00 -11.39
CA VAL A 230 -4.50 -3.50 -10.18
C VAL A 230 -3.39 -3.38 -9.14
N ILE A 231 -3.67 -2.69 -8.02
CA ILE A 231 -2.71 -2.51 -6.95
C ILE A 231 -3.10 -3.50 -5.85
N LEU A 232 -2.22 -4.42 -5.51
CA LEU A 232 -2.47 -5.40 -4.44
C LEU A 232 -1.57 -5.13 -3.22
N GLU A 233 -2.18 -5.23 -2.03
CA GLU A 233 -1.48 -5.02 -0.81
C GLU A 233 -0.61 -6.25 -0.42
N ASN A 234 0.68 -6.07 -0.21
CA ASN A 234 1.50 -7.19 0.27
C ASN A 234 1.33 -7.33 1.79
N SER A 235 0.25 -8.00 2.20
CA SER A 235 -0.01 -8.16 3.64
C SER A 235 -0.90 -9.36 3.86
N ALA A 236 -1.46 -9.49 5.09
CA ALA A 236 -2.31 -10.64 5.48
C ALA A 236 -3.02 -10.35 6.82
N PRO A 237 -4.26 -10.82 6.96
CA PRO A 237 -5.05 -10.31 8.09
C PRO A 237 -4.60 -10.82 9.46
N ASN A 238 -3.84 -11.91 9.49
CA ASN A 238 -3.35 -12.38 10.79
C ASN A 238 -1.84 -12.14 11.07
N ILE A 239 -1.21 -11.25 10.33
CA ILE A 239 0.23 -11.20 10.36
C ILE A 239 0.74 -9.78 10.52
N ASN A 240 1.78 -9.61 11.35
CA ASN A 240 2.51 -8.35 11.45
C ASN A 240 3.82 -8.44 10.66
N LEU A 241 3.93 -7.69 9.59
CA LEU A 241 5.16 -7.71 8.80
C LEU A 241 6.08 -6.62 9.21
N ASP A 242 7.34 -6.96 9.34
CA ASP A 242 8.39 -5.96 9.36
C ASP A 242 8.90 -5.89 7.90
N TYR A 243 8.53 -4.83 7.21
CA TYR A 243 8.89 -4.68 5.80
C TYR A 243 10.38 -4.36 5.62
N LEU A 244 11.00 -3.71 6.63
CA LEU A 244 12.46 -3.55 6.60
C LEU A 244 13.21 -4.85 6.56
N ASN A 245 12.99 -5.73 7.53
CA ASN A 245 13.77 -6.97 7.67
C ASN A 245 13.20 -8.18 6.99
N GLY A 246 11.95 -8.15 6.62
CA GLY A 246 11.44 -9.30 5.93
C GLY A 246 11.03 -10.42 6.84
N THR A 247 10.62 -10.08 8.06
CA THR A 247 10.10 -11.05 9.05
C THR A 247 8.61 -10.87 9.26
N ALA A 248 8.00 -11.93 9.73
CA ALA A 248 6.59 -11.97 9.95
C ALA A 248 6.36 -12.60 11.34
N THR A 249 5.47 -12.03 12.13
CA THR A 249 5.02 -12.65 13.38
C THR A 249 3.49 -12.54 13.38
N PRO A 250 2.79 -13.43 14.12
CA PRO A 250 1.32 -13.40 14.20
C PRO A 250 0.81 -12.20 15.02
N LYS A 251 -0.47 -11.85 14.83
CA LYS A 251 -1.16 -10.71 15.50
C LYS A 251 -1.67 -10.92 16.95
N ASN A 252 -1.11 -10.17 17.91
CA ASN A 252 -1.42 -10.29 19.37
C ASN A 252 -1.78 -8.96 20.02
N VAL B 49 12.61 3.51 26.67
CA VAL B 49 13.17 2.30 25.98
C VAL B 49 12.24 1.85 24.83
N SER B 50 11.83 2.85 24.03
CA SER B 50 11.32 2.68 22.66
C SER B 50 11.82 3.85 21.80
N SER B 51 12.69 3.51 20.83
CA SER B 51 13.17 4.46 19.83
C SER B 51 12.05 5.17 19.02
N LYS B 52 10.86 4.58 18.95
CA LYS B 52 9.75 5.07 18.11
C LYS B 52 8.97 6.28 18.68
N LEU B 53 9.23 6.71 19.90
CA LEU B 53 8.43 7.76 20.55
C LEU B 53 9.23 9.04 20.68
N LEU B 54 8.56 10.17 20.96
CA LEU B 54 9.27 11.36 21.32
C LEU B 54 9.89 11.21 22.75
N PRO B 55 11.02 11.89 23.03
CA PRO B 55 11.46 11.70 24.43
C PRO B 55 10.42 12.29 25.40
N PHE B 56 10.11 11.53 26.47
CA PHE B 56 9.08 11.95 27.43
C PHE B 56 9.53 13.13 28.33
N THR B 57 9.07 14.34 28.05
CA THR B 57 9.53 15.52 28.80
C THR B 57 8.45 16.15 29.68
N ALA B 58 7.32 15.45 29.88
CA ALA B 58 6.11 16.02 30.48
C ALA B 58 5.66 17.39 29.90
N ASN B 59 6.11 17.71 28.69
CA ASN B 59 5.61 18.90 27.96
C ASN B 59 5.01 18.57 26.63
N TYR B 60 4.14 19.46 26.16
CA TYR B 60 3.62 19.36 24.81
C TYR B 60 4.80 19.47 23.88
N GLN B 61 4.77 18.63 22.85
CA GLN B 61 5.73 18.65 21.77
C GLN B 61 5.02 18.32 20.49
N LEU B 62 5.28 19.15 19.49
CA LEU B 62 5.01 18.83 18.11
C LEU B 62 6.30 18.85 17.32
N GLN B 63 6.68 17.70 16.77
CA GLN B 63 7.84 17.60 15.88
C GLN B 63 7.45 17.23 14.42
N LEU B 64 7.75 18.13 13.50
CA LEU B 64 7.48 17.97 12.08
C LEU B 64 8.76 17.62 11.35
N GLY B 65 8.73 16.68 10.43
CA GLY B 65 9.93 16.39 9.72
C GLY B 65 10.10 17.41 8.64
N GLU B 66 11.35 17.55 8.21
CA GLU B 66 11.64 18.37 7.05
C GLU B 66 10.96 17.77 5.83
N LEU B 67 10.41 18.62 5.01
CA LEU B 67 10.12 18.25 3.64
C LEU B 67 11.37 17.62 3.02
N ASP B 68 11.20 16.60 2.15
CA ASP B 68 12.33 15.86 1.50
C ASP B 68 12.75 16.58 0.20
N ASN B 69 13.72 16.04 -0.55
CA ASN B 69 14.19 16.71 -1.76
C ASN B 69 13.04 17.00 -2.76
N LEU B 70 11.97 16.20 -2.75
CA LEU B 70 10.89 16.42 -3.68
C LEU B 70 9.82 17.26 -3.04
N ASN B 71 10.19 17.93 -1.94
CA ASN B 71 9.21 18.74 -1.22
C ASN B 71 8.04 17.97 -0.57
N ARG B 72 8.15 16.65 -0.44
CA ARG B 72 7.15 15.79 0.21
C ARG B 72 7.20 15.81 1.76
N ALA B 73 6.04 15.89 2.40
CA ALA B 73 6.03 15.81 3.85
C ALA B 73 6.65 14.48 4.21
N THR B 74 7.34 14.39 5.32
CA THR B 74 7.96 13.11 5.71
C THR B 74 7.34 12.47 6.99
N PHE B 75 6.89 13.31 7.92
CA PHE B 75 6.26 12.78 9.15
C PHE B 75 5.70 13.88 10.03
N SER B 76 4.84 13.52 10.96
CA SER B 76 4.37 14.49 11.93
C SER B 76 4.22 13.78 13.23
N HIS B 77 4.82 14.34 14.29
CA HIS B 77 4.87 13.64 15.58
C HIS B 77 4.43 14.49 16.76
N ILE B 78 3.41 14.02 17.48
CA ILE B 78 2.82 14.76 18.61
C ILE B 78 2.77 13.97 19.93
N GLN B 79 2.98 14.70 21.03
CA GLN B 79 2.79 14.11 22.37
C GLN B 79 2.05 15.14 23.18
N LEU B 80 0.91 14.73 23.74
CA LEU B 80 -0.02 15.68 24.33
C LEU B 80 -0.92 15.05 25.34
N GLN B 81 -1.53 15.88 26.19
CA GLN B 81 -2.56 15.48 27.13
C GLN B 81 -3.92 15.98 26.69
N ASP B 82 -4.98 15.42 27.28
CA ASP B 82 -6.35 15.93 27.08
C ASP B 82 -6.60 17.45 27.24
N ARG B 83 -5.81 18.11 28.05
CA ARG B 83 -5.96 19.53 28.30
C ARG B 83 -5.18 20.48 27.40
N HIS B 84 -4.54 19.95 26.37
CA HIS B 84 -3.81 20.78 25.44
C HIS B 84 -4.72 21.32 24.34
N GLU B 85 -5.22 20.39 23.54
CA GLU B 85 -6.22 20.68 22.51
C GLU B 85 -6.07 22.05 21.87
N THR B 86 -6.35 22.10 20.57
CA THR B 86 -6.38 23.37 19.79
C THR B 86 -7.58 23.42 18.86
N SER B 113 -13.86 15.06 -15.15
CA SER B 113 -13.17 13.87 -15.61
C SER B 113 -11.84 13.57 -14.90
N SER B 114 -11.15 14.57 -14.34
CA SER B 114 -9.76 14.37 -13.87
C SER B 114 -9.18 15.49 -12.98
N TRP B 115 -9.39 15.40 -11.67
CA TRP B 115 -8.98 16.46 -10.72
C TRP B 115 -7.63 16.33 -10.00
N VAL B 116 -7.19 17.46 -9.47
CA VAL B 116 -6.04 17.51 -8.61
C VAL B 116 -6.54 17.06 -7.24
N MET B 117 -5.80 16.15 -6.59
CA MET B 117 -6.13 15.66 -5.25
C MET B 117 -5.88 16.76 -4.22
N ASN B 118 -6.77 16.87 -3.23
CA ASN B 118 -6.58 17.74 -2.08
C ASN B 118 -5.61 17.12 -1.10
N ARG B 119 -4.99 17.98 -0.28
CA ARG B 119 -4.01 17.57 0.71
C ARG B 119 -4.67 17.32 2.06
N GLY B 120 -4.39 16.21 2.70
CA GLY B 120 -4.96 16.02 4.02
C GLY B 120 -3.91 16.17 5.10
N HIS B 121 -4.40 16.41 6.31
CA HIS B 121 -3.56 16.49 7.47
C HIS B 121 -2.89 15.16 7.75
N LEU B 122 -1.70 15.24 8.32
CA LEU B 122 -0.99 14.05 8.80
C LEU B 122 -1.43 13.90 10.26
N VAL B 123 -0.96 14.78 11.14
CA VAL B 123 -1.55 14.83 12.46
C VAL B 123 -2.76 15.76 12.43
N GLY B 124 -3.93 15.25 12.79
CA GLY B 124 -5.16 16.01 12.66
C GLY B 124 -5.13 17.36 13.35
N TYR B 125 -5.82 18.33 12.75
CA TYR B 125 -6.03 19.65 13.34
C TYR B 125 -6.55 19.55 14.76
N GLN B 126 -7.56 18.71 14.93
CA GLN B 126 -8.00 18.22 16.21
C GLN B 126 -7.00 18.25 17.35
N PHE B 127 -5.73 18.03 17.04
CA PHE B 127 -4.73 17.80 18.06
C PHE B 127 -3.68 18.88 18.12
N CYS B 128 -3.29 19.37 16.96
CA CYS B 128 -2.10 20.21 16.78
C CYS B 128 -2.51 21.61 16.30
N GLY B 129 -3.71 21.72 15.77
CA GLY B 129 -4.21 22.96 15.23
C GLY B 129 -3.28 23.69 14.32
N LEU B 130 -3.18 23.27 13.07
CA LEU B 130 -2.29 23.93 12.13
C LEU B 130 -2.94 24.15 10.80
N ASN B 131 -2.80 25.33 10.25
CA ASN B 131 -3.18 25.62 8.86
C ASN B 131 -1.97 25.93 7.93
N ASP B 132 -2.07 25.49 6.68
CA ASP B 132 -1.00 25.68 5.71
C ASP B 132 0.43 25.45 6.21
N GLU B 133 0.65 24.35 6.95
CA GLU B 133 1.99 23.96 7.26
C GLU B 133 2.22 22.75 6.35
N PRO B 134 3.01 22.95 5.29
CA PRO B 134 3.31 21.94 4.26
C PRO B 134 3.89 20.65 4.85
N ARG B 135 4.63 20.73 5.97
CA ARG B 135 5.24 19.55 6.61
C ARG B 135 4.19 18.61 7.25
N ASN B 136 2.97 19.10 7.36
CA ASN B 136 1.88 18.33 7.93
C ASN B 136 0.74 17.97 6.96
N LEU B 137 0.96 18.11 5.64
CA LEU B 137 -0.05 17.86 4.56
C LEU B 137 0.47 16.89 3.48
N VAL B 138 -0.39 16.04 2.95
CA VAL B 138 -0.06 15.18 1.82
C VAL B 138 -1.30 14.95 0.97
N ALA B 139 -1.10 14.79 -0.34
CA ALA B 139 -2.22 14.46 -1.23
C ALA B 139 -2.93 13.22 -0.68
N MET B 140 -4.25 13.26 -0.59
CA MET B 140 -4.92 12.17 0.09
C MET B 140 -6.40 12.06 -0.31
N THR B 141 -6.93 10.85 -0.39
CA THR B 141 -8.28 10.67 -0.84
C THR B 141 -9.24 11.03 0.27
N ALA B 142 -10.41 11.51 -0.10
CA ALA B 142 -11.45 11.77 0.90
C ALA B 142 -11.77 10.49 1.67
N TRP B 143 -11.70 9.36 1.00
CA TRP B 143 -12.00 8.09 1.63
C TRP B 143 -11.01 7.89 2.77
N LEU B 144 -9.69 8.01 2.51
CA LEU B 144 -8.69 7.82 3.55
C LEU B 144 -8.84 8.86 4.65
N ALA B 145 -9.05 10.12 4.30
CA ALA B 145 -9.15 11.16 5.35
C ALA B 145 -10.30 10.93 6.33
N THR B 146 -11.46 10.57 5.80
CA THR B 146 -12.70 10.74 6.58
C THR B 146 -13.47 9.44 6.68
N GLY B 147 -13.10 8.41 5.96
CA GLY B 147 -13.87 7.18 5.92
C GLY B 147 -15.03 7.20 4.89
N ALA B 148 -15.18 8.28 4.11
CA ALA B 148 -16.34 8.36 3.18
C ALA B 148 -16.06 9.16 1.93
N TYR B 149 -16.87 8.96 0.88
CA TYR B 149 -16.86 9.84 -0.32
C TYR B 149 -17.02 11.36 -0.08
N SER B 150 -17.93 11.71 0.82
CA SER B 150 -18.27 13.09 1.17
C SER B 150 -18.93 12.91 2.54
N GLY B 151 -18.84 13.91 3.38
CA GLY B 151 -19.12 13.72 4.78
C GLY B 151 -17.93 13.03 5.44
N ALA B 152 -18.22 11.96 6.14
CA ALA B 152 -17.38 11.48 7.21
C ALA B 152 -18.04 10.20 7.70
N ASN B 153 -17.22 9.19 8.02
CA ASN B 153 -17.70 7.95 8.61
C ASN B 153 -16.59 7.38 9.49
N ASP B 154 -16.62 7.75 10.76
CA ASP B 154 -15.61 7.30 11.72
C ASP B 154 -15.87 5.89 12.21
N SER B 155 -16.70 5.15 11.49
CA SER B 155 -16.87 3.68 11.73
C SER B 155 -16.05 2.90 10.74
N ASN B 156 -15.61 3.57 9.69
CA ASN B 156 -14.84 2.88 8.65
C ASN B 156 -13.36 2.84 9.05
N PRO B 157 -12.87 1.65 9.45
CA PRO B 157 -11.47 1.56 9.90
C PRO B 157 -10.52 1.60 8.70
N GLU B 158 -11.00 1.95 7.51
CA GLU B 158 -10.10 2.27 6.39
C GLU B 158 -9.77 3.75 6.29
N GLY B 159 -10.38 4.53 7.18
CA GLY B 159 -10.21 5.96 7.15
C GLY B 159 -9.56 6.38 8.45
N MET B 160 -8.85 7.50 8.38
CA MET B 160 -8.18 8.10 9.52
C MET B 160 -9.10 8.52 10.65
N LEU B 161 -10.26 9.05 10.26
CA LEU B 161 -11.17 9.65 11.26
C LEU B 161 -11.48 8.58 12.28
N TYR B 162 -11.69 7.36 11.79
CA TYR B 162 -11.87 6.23 12.67
C TYR B 162 -10.90 6.23 13.86
N TYR B 163 -9.60 6.45 13.61
CA TYR B 163 -8.56 6.35 14.61
C TYR B 163 -8.46 7.67 15.36
N GLU B 164 -8.67 8.77 14.68
CA GLU B 164 -8.44 10.07 15.30
C GLU B 164 -9.47 10.27 16.39
N ASN B 165 -10.74 9.97 16.08
CA ASN B 165 -11.85 10.19 17.04
C ASN B 165 -11.73 9.28 18.23
N ARG B 166 -11.38 8.02 17.99
CA ARG B 166 -11.15 7.15 19.14
C ARG B 166 -9.91 7.51 19.93
N LEU B 167 -8.92 8.18 19.35
CA LEU B 167 -7.75 8.52 20.20
C LEU B 167 -8.13 9.72 21.07
N ASP B 168 -8.91 10.64 20.50
CA ASP B 168 -9.37 11.80 21.18
C ASP B 168 -10.28 11.33 22.33
N SER B 169 -11.21 10.39 22.07
CA SER B 169 -11.89 9.66 23.14
C SER B 169 -10.94 9.12 24.21
N TRP B 170 -9.81 8.52 23.80
CA TRP B 170 -8.88 7.93 24.78
C TRP B 170 -8.24 9.02 25.62
N LEU B 171 -7.94 10.13 25.01
CA LEU B 171 -7.43 11.26 25.76
C LEU B 171 -8.44 11.74 26.82
N ALA B 172 -9.70 11.88 26.41
CA ALA B 172 -10.76 12.31 27.32
C ALA B 172 -10.80 11.40 28.53
N LEU B 173 -10.73 10.10 28.31
CA LEU B 173 -10.87 9.12 29.41
C LEU B 173 -9.64 8.96 30.30
N HIS B 174 -8.49 9.43 29.84
CA HIS B 174 -7.24 9.27 30.56
C HIS B 174 -6.57 10.63 30.58
N PRO B 175 -7.14 11.57 31.38
CA PRO B 175 -6.67 12.97 31.48
C PRO B 175 -5.30 13.18 32.12
N ASP B 176 -4.79 12.19 32.85
CA ASP B 176 -3.45 12.28 33.48
C ASP B 176 -2.46 11.38 32.77
N PHE B 177 -2.85 10.84 31.61
CA PHE B 177 -1.95 10.07 30.74
C PHE B 177 -1.56 11.01 29.61
N TRP B 178 -0.54 10.63 28.83
CA TRP B 178 -0.10 11.39 27.62
C TRP B 178 -0.32 10.49 26.40
N LEU B 179 -0.60 11.08 25.26
CA LEU B 179 -0.69 10.26 24.02
C LEU B 179 0.51 10.60 23.14
N ASP B 180 1.26 9.57 22.74
CA ASP B 180 2.33 9.77 21.76
C ASP B 180 1.77 9.25 20.42
N TYR B 181 1.80 10.13 19.44
CA TYR B 181 1.15 9.80 18.17
C TYR B 181 1.92 10.32 16.97
N LYS B 182 2.21 9.40 16.06
CA LYS B 182 3.09 9.71 14.89
C LYS B 182 2.40 9.28 13.61
N VAL B 183 2.28 10.24 12.70
CA VAL B 183 1.74 9.93 11.37
C VAL B 183 2.81 10.04 10.25
N THR B 184 3.08 8.95 9.55
CA THR B 184 4.12 8.94 8.51
C THR B 184 3.61 8.52 7.12
N PRO B 185 3.72 9.41 6.12
CA PRO B 185 3.36 8.98 4.78
C PRO B 185 4.41 7.99 4.20
N ILE B 186 3.97 7.08 3.35
CA ILE B 186 4.85 6.05 2.82
C ILE B 186 4.86 6.23 1.30
N TYR B 187 5.98 6.71 0.77
CA TYR B 187 6.17 6.94 -0.68
C TYR B 187 6.88 5.81 -1.38
N SER B 188 6.57 5.65 -2.64
CA SER B 188 7.39 4.83 -3.54
C SER B 188 8.13 5.67 -4.57
N GLY B 189 9.42 5.36 -4.81
CA GLY B 189 10.18 6.12 -5.79
C GLY B 189 9.90 7.62 -5.68
N ASN B 190 9.65 8.25 -6.84
CA ASN B 190 9.50 9.73 -6.96
C ASN B 190 8.08 10.21 -6.83
N GLU B 191 7.17 9.33 -6.45
CA GLU B 191 5.76 9.66 -6.37
C GLU B 191 5.49 10.74 -5.32
N VAL B 192 4.57 11.64 -5.64
CA VAL B 192 4.17 12.64 -4.66
C VAL B 192 2.96 12.28 -3.80
N VAL B 193 2.15 11.30 -4.21
CA VAL B 193 1.07 10.79 -3.39
C VAL B 193 1.57 9.54 -2.73
N PRO B 194 1.41 9.44 -1.40
CA PRO B 194 1.92 8.26 -0.73
C PRO B 194 0.98 7.09 -0.91
N ARG B 195 1.56 5.90 -0.96
CA ARG B 195 0.76 4.71 -1.14
C ARG B 195 -0.08 4.50 0.06
N GLN B 196 0.49 4.80 1.20
CA GLN B 196 -0.03 4.42 2.49
C GLN B 196 0.31 5.54 3.49
N ILE B 197 -0.36 5.47 4.63
CA ILE B 197 -0.14 6.35 5.75
C ILE B 197 0.01 5.43 6.97
N GLU B 198 1.07 5.59 7.74
CA GLU B 198 1.20 4.78 8.94
C GLU B 198 0.78 5.63 10.12
N LEU B 199 -0.06 5.07 10.96
CA LEU B 199 -0.46 5.78 12.19
C LEU B 199 0.13 4.95 13.25
N GLN B 200 0.82 5.59 14.19
CA GLN B 200 1.48 4.90 15.31
C GLN B 200 1.15 5.62 16.63
N TYR B 201 0.64 4.86 17.59
CA TYR B 201 0.14 5.42 18.86
C TYR B 201 0.37 4.52 20.11
N VAL B 202 0.68 5.18 21.24
CA VAL B 202 0.85 4.51 22.51
C VAL B 202 0.55 5.56 23.55
N GLY B 203 0.20 5.11 24.76
CA GLY B 203 -0.04 5.98 25.89
C GLY B 203 1.19 5.92 26.77
N ILE B 204 1.49 7.08 27.35
CA ILE B 204 2.55 7.21 28.34
C ILE B 204 1.88 7.62 29.67
N ASP B 205 2.06 6.83 30.74
CA ASP B 205 1.55 7.21 32.07
C ASP B 205 2.44 8.26 32.71
N SER B 206 2.09 8.69 33.91
CA SER B 206 2.80 9.85 34.47
C SER B 206 4.26 9.53 34.88
N SER B 207 4.54 8.29 35.23
CA SER B 207 5.90 7.80 35.52
C SER B 207 6.64 7.28 34.28
N GLY B 208 6.34 7.87 33.12
CA GLY B 208 6.88 7.45 31.82
C GLY B 208 6.70 6.01 31.36
N GLU B 209 5.80 5.22 31.94
CA GLU B 209 5.54 3.87 31.41
C GLU B 209 4.50 3.85 30.26
N LEU B 210 4.61 2.84 29.42
CA LEU B 210 3.81 2.78 28.22
C LEU B 210 2.54 2.00 28.48
N LEU B 211 1.44 2.50 27.94
CA LEU B 211 0.15 1.83 27.96
C LEU B 211 -0.38 1.65 26.51
N THR B 212 -0.59 0.40 26.12
CA THR B 212 -1.08 0.08 24.81
C THR B 212 -2.49 0.64 24.70
N ILE B 213 -2.82 1.22 23.55
CA ILE B 213 -4.11 1.78 23.24
C ILE B 213 -4.73 0.89 22.17
N ARG B 214 -5.90 0.31 22.45
CA ARG B 214 -6.49 -0.70 21.60
C ARG B 214 -7.76 -0.13 21.01
N LEU B 215 -7.76 0.17 19.71
CA LEU B 215 -8.90 0.78 19.07
C LEU B 215 -9.75 -0.22 18.27
N ASN B 216 -9.51 -1.52 18.42
CA ASN B 216 -10.42 -2.55 17.81
C ASN B 216 -10.48 -2.56 16.31
N SER B 217 -9.34 -2.33 15.68
CA SER B 217 -9.19 -2.43 14.23
C SER B 217 -8.25 -3.60 13.92
N ASN B 218 -8.70 -4.55 13.10
CA ASN B 218 -7.81 -5.62 12.53
C ASN B 218 -6.47 -5.16 12.02
N LYS B 219 -6.43 -3.97 11.44
CA LYS B 219 -5.20 -3.43 10.93
C LYS B 219 -4.14 -3.19 12.01
N GLU B 220 -4.48 -3.35 13.29
CA GLU B 220 -3.58 -2.98 14.37
C GLU B 220 -2.48 -3.96 14.63
N SER B 221 -1.29 -3.43 14.85
CA SER B 221 -0.10 -4.24 15.01
C SER B 221 0.67 -3.67 16.19
N ILE B 222 0.78 -4.46 17.25
CA ILE B 222 1.42 -4.04 18.49
C ILE B 222 2.82 -4.62 18.52
N ASP B 223 3.82 -3.75 18.72
CA ASP B 223 5.21 -4.19 18.86
C ASP B 223 5.56 -4.76 20.27
N GLU B 224 6.82 -5.10 20.49
CA GLU B 224 7.25 -5.73 21.75
C GLU B 224 7.15 -4.76 22.95
N ASN B 225 7.17 -3.45 22.68
CA ASN B 225 6.92 -2.48 23.76
C ASN B 225 5.44 -2.07 23.92
N GLY B 226 4.57 -2.68 23.15
CA GLY B 226 3.18 -2.27 23.21
C GLY B 226 2.83 -0.94 22.55
N VAL B 227 3.67 -0.49 21.61
CA VAL B 227 3.38 0.61 20.69
C VAL B 227 2.58 0.03 19.51
N THR B 228 1.47 0.67 19.11
CA THR B 228 0.60 0.16 18.02
C THR B 228 0.81 0.89 16.67
N THR B 229 0.77 0.14 15.56
CA THR B 229 0.94 0.72 14.23
C THR B 229 -0.15 0.18 13.36
N VAL B 230 -0.73 1.10 12.57
CA VAL B 230 -1.76 0.77 11.59
C VAL B 230 -1.27 1.29 10.23
N ILE B 231 -1.28 0.43 9.20
CA ILE B 231 -1.07 0.85 7.83
C ILE B 231 -2.43 1.14 7.08
N LEU B 232 -2.70 2.37 6.64
CA LEU B 232 -3.92 2.62 5.79
C LEU B 232 -3.49 2.94 4.37
N GLU B 233 -4.24 2.41 3.41
CA GLU B 233 -4.02 2.52 1.99
C GLU B 233 -4.55 3.87 1.56
N ASN B 234 -3.82 4.59 0.72
CA ASN B 234 -4.29 5.91 0.29
C ASN B 234 -4.93 5.66 -1.05
N SER B 235 -6.22 5.29 -0.99
CA SER B 235 -7.04 4.98 -2.14
C SER B 235 -8.52 5.17 -1.81
N ALA B 236 -9.36 4.87 -2.81
CA ALA B 236 -10.78 5.05 -2.73
C ALA B 236 -11.48 4.05 -3.65
N PRO B 237 -12.60 3.44 -3.18
CA PRO B 237 -13.24 2.39 -4.00
C PRO B 237 -13.67 2.82 -5.40
N ASN B 238 -13.86 4.11 -5.66
CA ASN B 238 -14.36 4.56 -6.96
C ASN B 238 -13.39 5.41 -7.85
N ILE B 239 -12.11 5.45 -7.49
CA ILE B 239 -11.18 6.50 -7.91
C ILE B 239 -9.97 5.77 -8.49
N ASN B 240 -9.42 6.24 -9.61
CA ASN B 240 -8.06 5.81 -10.04
C ASN B 240 -7.02 6.92 -9.77
N LEU B 241 -6.03 6.62 -8.95
CA LEU B 241 -5.01 7.53 -8.62
C LEU B 241 -3.80 7.41 -9.47
N ASP B 242 -3.34 8.57 -9.88
CA ASP B 242 -2.01 8.76 -10.42
C ASP B 242 -1.07 9.21 -9.29
N TYR B 243 -0.53 8.24 -8.58
CA TYR B 243 0.39 8.53 -7.50
C TYR B 243 1.58 9.42 -7.91
N LEU B 244 1.90 9.49 -9.20
CA LEU B 244 3.11 10.21 -9.66
C LEU B 244 2.86 11.72 -9.77
N ASN B 245 1.73 12.09 -10.38
CA ASN B 245 1.41 13.48 -10.72
C ASN B 245 0.43 14.12 -9.76
N GLY B 246 0.02 13.37 -8.74
CA GLY B 246 -0.99 13.79 -7.81
C GLY B 246 -2.33 14.17 -8.38
N THR B 247 -2.86 13.32 -9.25
CA THR B 247 -4.21 13.52 -9.78
C THR B 247 -5.08 12.28 -9.62
N ALA B 248 -6.38 12.45 -9.80
CA ALA B 248 -7.34 11.33 -9.73
C ALA B 248 -8.31 11.46 -10.89
N THR B 249 -8.85 10.33 -11.36
CA THR B 249 -9.97 10.31 -12.31
C THR B 249 -10.95 9.25 -11.83
N PRO B 250 -12.18 9.23 -12.37
CA PRO B 250 -12.98 8.14 -11.84
C PRO B 250 -13.02 6.89 -12.71
N LYS B 251 -13.61 5.94 -12.00
CA LYS B 251 -13.67 4.54 -12.35
C LYS B 251 -15.07 4.26 -12.89
C1 PEG C . -8.63 13.06 -3.97
O1 PEG C . -8.31 14.29 -3.21
C2 PEG C . -10.13 12.72 -4.16
O2 PEG C . -10.78 12.13 -3.01
C3 PEG C . -11.54 10.94 -3.31
C4 PEG C . -11.66 10.00 -2.08
O4 PEG C . -12.86 9.21 -2.01
#